data_6JHW
#
_entry.id   6JHW
#
_cell.length_a   53.821
_cell.length_b   53.821
_cell.length_c   163.363
_cell.angle_alpha   90.00
_cell.angle_beta   90.00
_cell.angle_gamma   90.00
#
_symmetry.space_group_name_H-M   'P 43'
#
loop_
_entity.id
_entity.type
_entity.pdbx_description
1 polymer AcrIIC3
2 polymer 'CRISPR-associated endonuclease Cas9'
3 water water
#
loop_
_entity_poly.entity_id
_entity_poly.type
_entity_poly.pdbx_seq_one_letter_code
_entity_poly.pdbx_strand_id
1 'polypeptide(L)'
;MAFKRAIIFTSFNGFEKVSRTEKRRLAKIINARVSIIDEYLRAKDTNASLDGQYRAFLFNDESPAMTEFLAKLKAFAESC
TGISIDAWEIEESEYVRLPVERRDFLAAANGKEIFKI
;
A,C
2 'polypeptide(L)'
;GEIEKRQEENRKDREKAAAKFREYFPNFVGEPKSKDILKLRLYEQQHGKCLYSGKEINLGRLNEKGYVEIDHALPFSRTW
DDSFNNKVLVLGSENQNKGNQTPYEYFNGKDNSREWQEFKARVETSRFPRSKKQRILLQ
;
B,D
#
# COMPACT_ATOMS: atom_id res chain seq x y z
N ALA A 2 -19.49 -8.17 13.64
CA ALA A 2 -20.33 -8.96 12.70
C ALA A 2 -19.78 -8.82 11.29
N PHE A 3 -19.87 -9.90 10.50
CA PHE A 3 -19.48 -9.83 9.11
C PHE A 3 -20.55 -9.12 8.27
N LYS A 4 -20.10 -8.17 7.44
CA LYS A 4 -20.96 -7.48 6.51
C LYS A 4 -20.24 -7.27 5.18
N ARG A 5 -21.04 -7.00 4.16
CA ARG A 5 -20.56 -6.63 2.86
C ARG A 5 -20.90 -5.14 2.65
N ALA A 6 -19.89 -4.35 2.30
CA ALA A 6 -20.11 -3.07 1.67
C ALA A 6 -20.33 -3.30 0.18
N ILE A 7 -21.58 -3.20 -0.26
CA ILE A 7 -21.91 -3.29 -1.67
C ILE A 7 -21.71 -1.90 -2.28
N ILE A 8 -20.87 -1.82 -3.33
CA ILE A 8 -20.50 -0.57 -3.97
C ILE A 8 -20.90 -0.67 -5.46
N PHE A 9 -21.61 0.35 -5.96
CA PHE A 9 -21.91 0.46 -7.38
C PHE A 9 -21.36 1.78 -7.93
N THR A 10 -20.44 1.67 -8.87
CA THR A 10 -19.79 2.82 -9.44
C THR A 10 -20.29 2.93 -10.88
N SER A 11 -20.67 4.14 -11.30
CA SER A 11 -21.19 4.37 -12.64
C SER A 11 -20.74 5.74 -13.12
N PHE A 12 -20.49 5.86 -14.43
CA PHE A 12 -20.01 7.08 -15.04
C PHE A 12 -21.22 7.81 -15.63
N ASN A 13 -21.72 8.80 -14.89
CA ASN A 13 -22.85 9.62 -15.31
C ASN A 13 -22.34 10.71 -16.25
N GLY A 14 -23.16 11.16 -17.19
CA GLY A 14 -22.72 12.33 -17.94
C GLY A 14 -21.72 12.01 -19.04
N PHE A 15 -21.89 12.77 -20.13
CA PHE A 15 -21.18 12.63 -21.41
C PHE A 15 -19.89 13.47 -21.37
N GLU A 16 -19.76 14.35 -20.35
CA GLU A 16 -18.50 15.10 -20.10
C GLU A 16 -17.54 14.14 -19.38
N LYS A 17 -16.89 13.30 -20.18
CA LYS A 17 -16.26 12.09 -19.75
C LYS A 17 -15.38 12.33 -18.51
N VAL A 18 -15.38 11.31 -17.65
CA VAL A 18 -14.54 11.22 -16.49
C VAL A 18 -13.09 11.13 -16.99
N SER A 19 -12.17 11.80 -16.29
CA SER A 19 -10.79 11.77 -16.74
C SER A 19 -10.16 10.42 -16.40
N ARG A 20 -9.04 10.10 -17.06
CA ARG A 20 -8.27 8.88 -16.86
C ARG A 20 -7.68 8.85 -15.45
N THR A 21 -7.45 10.02 -14.86
CA THR A 21 -6.83 10.10 -13.57
C THR A 21 -7.90 9.95 -12.47
N GLU A 22 -9.14 10.31 -12.78
CA GLU A 22 -10.23 10.03 -11.87
C GLU A 22 -10.46 8.50 -11.78
N LYS A 23 -10.44 7.84 -12.93
CA LYS A 23 -10.57 6.42 -12.96
C LYS A 23 -9.45 5.78 -12.13
N ARG A 24 -8.22 6.27 -12.32
CA ARG A 24 -7.06 5.75 -11.59
C ARG A 24 -7.26 5.94 -10.09
N ARG A 25 -7.71 7.13 -9.67
CA ARG A 25 -7.94 7.36 -8.25
C ARG A 25 -8.97 6.37 -7.67
N LEU A 26 -10.05 6.13 -8.43
CA LEU A 26 -11.09 5.21 -7.95
C LEU A 26 -10.52 3.80 -7.84
N ALA A 27 -9.82 3.34 -8.90
CA ALA A 27 -9.28 2.01 -8.95
C ALA A 27 -8.33 1.78 -7.75
N LYS A 28 -7.61 2.83 -7.35
CA LYS A 28 -6.65 2.78 -6.20
C LYS A 28 -7.36 2.67 -4.83
N ILE A 29 -8.48 3.36 -4.67
CA ILE A 29 -9.20 3.30 -3.42
C ILE A 29 -9.76 1.88 -3.28
N ILE A 30 -10.17 1.36 -4.42
CA ILE A 30 -10.73 0.03 -4.46
C ILE A 30 -9.64 -0.99 -4.09
N ASN A 31 -8.49 -0.89 -4.77
CA ASN A 31 -7.44 -1.91 -4.78
C ASN A 31 -6.71 -1.95 -3.45
N ALA A 32 -6.71 -0.84 -2.72
CA ALA A 32 -6.31 -0.79 -1.33
C ALA A 32 -7.00 -1.88 -0.49
N ARG A 33 -8.25 -2.25 -0.79
CA ARG A 33 -8.90 -3.27 0.04
C ARG A 33 -8.69 -4.67 -0.53
N VAL A 34 -8.19 -4.81 -1.75
CA VAL A 34 -8.10 -6.10 -2.48
C VAL A 34 -6.83 -6.88 -2.10
N SER A 35 -6.95 -8.19 -1.88
CA SER A 35 -5.79 -9.06 -1.61
C SER A 35 -5.97 -10.33 -2.45
N ILE A 36 -5.13 -11.36 -2.27
CA ILE A 36 -5.29 -12.61 -3.05
C ILE A 36 -6.64 -13.30 -2.68
N ILE A 37 -7.17 -13.00 -1.51
CA ILE A 37 -8.37 -13.59 -1.01
C ILE A 37 -9.53 -13.21 -1.92
N ASP A 38 -9.55 -11.93 -2.34
CA ASP A 38 -10.65 -11.39 -3.12
C ASP A 38 -10.12 -10.75 -4.42
N GLU A 39 -9.20 -11.45 -5.07
CA GLU A 39 -8.51 -10.96 -6.29
C GLU A 39 -9.51 -10.52 -7.37
N TYR A 40 -10.64 -11.23 -7.51
CA TYR A 40 -11.73 -10.86 -8.41
C TYR A 40 -12.19 -9.39 -8.29
N LEU A 41 -12.12 -8.76 -7.12
CA LEU A 41 -12.54 -7.38 -6.90
C LEU A 41 -11.61 -6.38 -7.58
N ARG A 42 -10.47 -6.83 -8.12
CA ARG A 42 -9.39 -5.92 -8.59
C ARG A 42 -9.97 -4.97 -9.64
N ALA A 43 -9.54 -3.71 -9.62
CA ALA A 43 -10.05 -2.64 -10.48
C ALA A 43 -8.92 -2.19 -11.41
N LYS A 44 -9.30 -1.85 -12.64
CA LYS A 44 -8.42 -1.22 -13.56
C LYS A 44 -8.97 0.17 -13.81
N ASP A 45 -8.15 1.06 -14.39
CA ASP A 45 -8.56 2.45 -14.65
C ASP A 45 -9.36 2.56 -15.96
N THR A 46 -10.40 1.73 -16.13
CA THR A 46 -11.09 1.60 -17.40
C THR A 46 -12.60 1.56 -17.20
N ASN A 47 -13.31 1.80 -18.31
CA ASN A 47 -14.77 1.75 -18.33
C ASN A 47 -15.22 0.33 -18.01
N ALA A 48 -14.63 -0.63 -18.71
CA ALA A 48 -14.93 -2.03 -18.53
C ALA A 48 -14.85 -2.44 -17.05
N SER A 49 -13.94 -1.87 -16.28
CA SER A 49 -13.71 -2.42 -14.96
C SER A 49 -14.57 -1.69 -13.90
N LEU A 50 -14.88 -0.42 -14.17
CA LEU A 50 -15.42 0.47 -13.21
C LEU A 50 -16.88 0.86 -13.54
N ASP A 51 -17.26 0.99 -14.81
CA ASP A 51 -18.54 1.63 -15.09
C ASP A 51 -19.70 0.64 -14.97
N GLY A 52 -20.59 0.88 -14.00
CA GLY A 52 -21.82 0.11 -13.86
C GLY A 52 -21.55 -1.24 -13.22
N GLN A 53 -20.52 -1.30 -12.39
CA GLN A 53 -20.10 -2.51 -11.80
C GLN A 53 -20.36 -2.49 -10.30
N TYR A 54 -20.84 -3.64 -9.83
CA TYR A 54 -20.99 -3.86 -8.40
C TYR A 54 -19.75 -4.56 -7.87
N ARG A 55 -19.36 -4.16 -6.66
CA ARG A 55 -18.34 -4.86 -5.95
C ARG A 55 -18.81 -5.00 -4.51
N ALA A 56 -18.54 -6.16 -3.93
CA ALA A 56 -18.96 -6.50 -2.61
C ALA A 56 -17.77 -6.71 -1.66
N PHE A 57 -17.49 -5.74 -0.80
CA PHE A 57 -16.29 -5.80 0.04
C PHE A 57 -16.66 -6.37 1.42
N LEU A 58 -16.09 -7.53 1.76
CA LEU A 58 -16.23 -8.18 3.06
C LEU A 58 -15.49 -7.41 4.17
N PHE A 59 -16.20 -7.18 5.26
CA PHE A 59 -15.66 -6.55 6.45
C PHE A 59 -16.17 -7.32 7.68
N ASN A 60 -15.35 -7.27 8.73
CA ASN A 60 -15.82 -7.48 10.08
C ASN A 60 -16.07 -6.06 10.59
N ASP A 61 -17.29 -5.71 10.95
CA ASP A 61 -17.52 -4.27 11.36
C ASP A 61 -16.96 -3.93 12.76
N GLU A 62 -16.46 -4.93 13.51
CA GLU A 62 -15.74 -4.67 14.76
C GLU A 62 -14.46 -3.87 14.50
N SER A 63 -13.98 -3.92 13.26
CA SER A 63 -12.83 -3.15 12.76
C SER A 63 -13.29 -1.79 12.23
N PRO A 64 -12.51 -0.71 12.49
CA PRO A 64 -12.79 0.61 11.92
C PRO A 64 -12.56 0.69 10.41
N ALA A 65 -12.17 -0.42 9.80
CA ALA A 65 -11.78 -0.45 8.42
C ALA A 65 -12.97 -0.09 7.51
N MET A 66 -14.15 -0.69 7.74
CA MET A 66 -15.33 -0.50 6.89
C MET A 66 -15.65 1.00 6.79
N THR A 67 -15.72 1.71 7.92
CA THR A 67 -16.00 3.13 7.94
C THR A 67 -14.91 3.94 7.22
N GLU A 68 -13.63 3.56 7.37
CA GLU A 68 -12.52 4.28 6.69
C GLU A 68 -12.68 4.09 5.18
N PHE A 69 -13.00 2.86 4.76
CA PHE A 69 -13.13 2.57 3.38
C PHE A 69 -14.29 3.38 2.80
N LEU A 70 -15.45 3.32 3.45
CA LEU A 70 -16.64 4.06 3.01
C LEU A 70 -16.35 5.58 2.96
N ALA A 71 -15.67 6.11 3.97
CA ALA A 71 -15.25 7.51 4.03
C ALA A 71 -14.42 7.91 2.82
N LYS A 72 -13.47 7.07 2.41
CA LYS A 72 -12.65 7.38 1.24
C LYS A 72 -13.48 7.39 -0.04
N LEU A 73 -14.32 6.37 -0.25
CA LEU A 73 -15.09 6.32 -1.46
C LEU A 73 -15.98 7.55 -1.60
N LYS A 74 -16.64 7.91 -0.51
CA LYS A 74 -17.62 9.01 -0.46
C LYS A 74 -16.95 10.38 -0.74
N ALA A 75 -15.89 10.68 0.01
CA ALA A 75 -15.07 11.85 -0.24
C ALA A 75 -14.60 11.83 -1.69
N PHE A 76 -14.12 10.67 -2.19
CA PHE A 76 -13.73 10.67 -3.59
C PHE A 76 -14.92 11.03 -4.49
N ALA A 77 -16.04 10.30 -4.40
CA ALA A 77 -17.16 10.62 -5.30
C ALA A 77 -17.50 12.13 -5.21
N GLU A 78 -17.43 12.72 -4.01
CA GLU A 78 -17.81 14.09 -3.79
C GLU A 78 -16.90 15.09 -4.54
N SER A 79 -15.67 14.67 -4.85
CA SER A 79 -14.68 15.48 -5.56
C SER A 79 -14.82 15.36 -7.07
N CYS A 80 -15.67 14.44 -7.55
CA CYS A 80 -15.80 14.15 -8.96
C CYS A 80 -17.11 14.71 -9.50
N THR A 81 -17.15 14.98 -10.82
CA THR A 81 -18.35 15.56 -11.46
C THR A 81 -19.16 14.46 -12.13
N GLY A 82 -18.50 13.42 -12.64
CA GLY A 82 -19.22 12.44 -13.40
C GLY A 82 -18.97 11.01 -12.97
N ILE A 83 -18.59 10.78 -11.72
CA ILE A 83 -18.50 9.42 -11.16
C ILE A 83 -19.48 9.32 -10.00
N SER A 84 -20.53 8.52 -10.18
CA SER A 84 -21.52 8.34 -9.18
C SER A 84 -21.18 7.05 -8.43
N ILE A 85 -21.29 7.10 -7.11
CA ILE A 85 -21.06 5.97 -6.26
C ILE A 85 -22.25 5.82 -5.31
N ASP A 86 -22.78 4.59 -5.31
CA ASP A 86 -23.89 4.16 -4.44
C ASP A 86 -23.39 2.97 -3.60
N ALA A 87 -23.69 3.01 -2.31
CA ALA A 87 -23.15 2.06 -1.34
C ALA A 87 -24.28 1.52 -0.45
N TRP A 88 -24.30 0.19 -0.26
CA TRP A 88 -25.20 -0.45 0.65
C TRP A 88 -24.42 -1.38 1.59
N GLU A 89 -24.98 -1.65 2.78
CA GLU A 89 -24.47 -2.76 3.66
C GLU A 89 -25.50 -3.89 3.67
N ILE A 90 -25.01 -5.13 3.78
CA ILE A 90 -25.78 -6.31 4.01
C ILE A 90 -24.98 -7.29 4.91
N GLU A 91 -25.68 -7.96 5.83
CA GLU A 91 -25.04 -8.96 6.68
C GLU A 91 -24.59 -10.14 5.82
N GLU A 92 -23.41 -10.68 6.12
CA GLU A 92 -22.82 -11.77 5.36
C GLU A 92 -23.74 -13.00 5.31
N SER A 93 -24.38 -13.31 6.43
CA SER A 93 -25.27 -14.52 6.50
C SER A 93 -26.41 -14.41 5.50
N GLU A 94 -26.87 -13.17 5.25
CA GLU A 94 -27.89 -12.94 4.27
C GLU A 94 -27.26 -12.94 2.87
N TYR A 95 -26.08 -12.33 2.72
CA TYR A 95 -25.37 -12.31 1.43
C TYR A 95 -25.15 -13.71 0.83
N VAL A 96 -24.56 -14.60 1.63
CA VAL A 96 -24.17 -15.94 1.11
C VAL A 96 -25.40 -16.79 0.80
N ARG A 97 -26.58 -16.37 1.28
CA ARG A 97 -27.85 -17.08 1.07
C ARG A 97 -28.46 -16.65 -0.25
N LEU A 98 -28.04 -15.49 -0.77
CA LEU A 98 -28.62 -15.03 -2.05
C LEU A 98 -28.16 -15.96 -3.17
N PRO A 99 -28.82 -15.94 -4.34
CA PRO A 99 -28.29 -16.61 -5.54
C PRO A 99 -26.91 -16.07 -5.91
N VAL A 100 -26.07 -16.95 -6.46
CA VAL A 100 -24.83 -16.55 -7.03
C VAL A 100 -25.09 -15.59 -8.21
N GLU A 101 -26.09 -15.89 -9.04
CA GLU A 101 -26.31 -15.10 -10.25
C GLU A 101 -26.92 -13.74 -9.84
N ARG A 102 -26.39 -12.65 -10.43
CA ARG A 102 -26.67 -11.25 -10.06
C ARG A 102 -26.65 -11.06 -8.53
N ARG A 103 -25.74 -11.73 -7.80
CA ARG A 103 -25.82 -11.66 -6.35
C ARG A 103 -25.77 -10.20 -5.88
N ASP A 104 -24.81 -9.41 -6.38
CA ASP A 104 -24.57 -8.11 -5.78
C ASP A 104 -25.73 -7.13 -6.05
N PHE A 105 -26.28 -7.18 -7.25
CA PHE A 105 -27.49 -6.48 -7.61
C PHE A 105 -28.60 -6.79 -6.61
N LEU A 106 -28.70 -8.07 -6.26
CA LEU A 106 -29.72 -8.47 -5.33
C LEU A 106 -29.33 -8.00 -3.92
N ALA A 107 -28.04 -8.09 -3.56
CA ALA A 107 -27.64 -7.60 -2.24
C ALA A 107 -27.96 -6.08 -2.16
N ALA A 108 -27.72 -5.38 -3.27
CA ALA A 108 -28.04 -3.94 -3.34
C ALA A 108 -29.55 -3.69 -3.14
N ALA A 109 -30.42 -4.49 -3.77
CA ALA A 109 -31.93 -4.34 -3.54
C ALA A 109 -32.31 -4.71 -2.10
N ASN A 110 -31.53 -5.60 -1.46
CA ASN A 110 -31.91 -6.20 -0.18
C ASN A 110 -31.20 -5.59 1.03
N GLY A 111 -30.21 -4.71 0.81
CA GLY A 111 -29.47 -4.15 1.91
C GLY A 111 -29.91 -2.73 2.27
N LYS A 112 -29.21 -2.15 3.26
CA LYS A 112 -29.46 -0.85 3.82
C LYS A 112 -28.56 0.11 3.07
N GLU A 113 -29.13 1.18 2.54
CA GLU A 113 -28.38 2.07 1.74
C GLU A 113 -27.58 2.97 2.66
N ILE A 114 -26.33 3.21 2.29
CA ILE A 114 -25.42 3.97 3.12
C ILE A 114 -25.40 5.38 2.56
N PHE A 115 -25.01 5.53 1.30
CA PHE A 115 -24.94 6.81 0.69
C PHE A 115 -25.01 6.60 -0.83
N LYS A 116 -25.35 7.67 -1.51
CA LYS A 116 -25.36 7.79 -2.97
C LYS A 116 -24.94 9.22 -3.38
N ILE A 117 -23.91 9.35 -4.20
CA ILE A 117 -23.35 10.67 -4.61
C ILE A 117 -23.44 10.76 -6.15
N GLY B 1 18.68 -11.34 -8.57
CA GLY B 1 17.54 -10.52 -8.20
C GLY B 1 16.23 -11.25 -8.44
N GLU B 2 16.07 -11.97 -9.57
CA GLU B 2 14.72 -12.49 -9.92
C GLU B 2 14.14 -13.33 -8.77
N ILE B 3 14.93 -14.22 -8.17
CA ILE B 3 14.51 -14.97 -6.94
C ILE B 3 14.09 -13.98 -5.82
N GLU B 4 14.89 -12.94 -5.59
CA GLU B 4 14.72 -12.00 -4.51
C GLU B 4 13.47 -11.16 -4.77
N LYS B 5 13.26 -10.77 -6.03
CA LYS B 5 12.09 -10.02 -6.47
C LYS B 5 10.84 -10.83 -6.14
N ARG B 6 10.92 -12.13 -6.47
CA ARG B 6 9.80 -13.04 -6.28
C ARG B 6 9.51 -13.25 -4.78
N GLN B 7 10.58 -13.37 -3.99
CA GLN B 7 10.46 -13.52 -2.54
C GLN B 7 9.67 -12.32 -1.98
N GLU B 8 10.11 -11.13 -2.36
CA GLU B 8 9.57 -9.92 -1.84
C GLU B 8 8.13 -9.76 -2.31
N GLU B 9 7.83 -10.04 -3.58
CA GLU B 9 6.40 -10.02 -4.05
C GLU B 9 5.53 -10.98 -3.22
N ASN B 10 6.08 -12.18 -2.94
CA ASN B 10 5.30 -13.22 -2.19
C ASN B 10 5.11 -12.82 -0.71
N ARG B 11 6.10 -12.14 -0.11
CA ARG B 11 5.95 -11.58 1.27
C ARG B 11 4.85 -10.53 1.27
N LYS B 12 4.90 -9.62 0.31
CA LYS B 12 3.88 -8.59 0.21
C LYS B 12 2.49 -9.21 0.07
N ASP B 13 2.33 -10.20 -0.82
CA ASP B 13 1.00 -10.81 -1.02
C ASP B 13 0.51 -11.40 0.30
N ARG B 14 1.43 -12.05 1.00
CA ARG B 14 0.98 -12.77 2.12
C ARG B 14 0.68 -11.87 3.34
N GLU B 15 1.47 -10.82 3.53
CA GLU B 15 1.18 -9.85 4.57
C GLU B 15 -0.20 -9.21 4.35
N LYS B 16 -0.50 -8.88 3.09
CA LYS B 16 -1.77 -8.25 2.77
C LYS B 16 -2.91 -9.20 3.17
N ALA B 17 -2.75 -10.48 2.80
CA ALA B 17 -3.75 -11.50 3.02
C ALA B 17 -3.89 -11.81 4.52
N ALA B 18 -2.75 -11.89 5.24
CA ALA B 18 -2.78 -12.14 6.65
C ALA B 18 -3.54 -11.01 7.39
N ALA B 19 -3.30 -9.76 6.98
CA ALA B 19 -3.87 -8.53 7.54
C ALA B 19 -5.41 -8.60 7.49
N LYS B 20 -5.96 -8.97 6.34
CA LYS B 20 -7.38 -9.19 6.22
C LYS B 20 -7.79 -10.33 7.14
N PHE B 21 -7.01 -11.42 7.15
CA PHE B 21 -7.38 -12.54 7.96
C PHE B 21 -7.53 -12.10 9.43
N ARG B 22 -6.61 -11.29 9.93
CA ARG B 22 -6.61 -10.89 11.30
C ARG B 22 -7.77 -9.96 11.59
N GLU B 23 -8.03 -9.05 10.65
CA GLU B 23 -9.23 -8.23 10.73
C GLU B 23 -10.46 -9.12 10.93
N TYR B 24 -10.53 -10.20 10.18
CA TYR B 24 -11.79 -10.95 10.15
C TYR B 24 -11.92 -11.77 11.44
N PHE B 25 -10.76 -12.17 11.97
CA PHE B 25 -10.65 -13.16 12.99
C PHE B 25 -9.69 -12.64 14.05
N PRO B 26 -10.11 -11.56 14.75
CA PRO B 26 -9.27 -10.89 15.73
C PRO B 26 -8.94 -11.78 16.95
N ASN B 27 -9.71 -12.84 17.18
CA ASN B 27 -9.47 -13.71 18.33
C ASN B 27 -8.70 -14.98 17.94
N PHE B 28 -8.21 -15.09 16.69
CA PHE B 28 -7.45 -16.26 16.25
C PHE B 28 -6.03 -16.23 16.83
N VAL B 29 -5.56 -17.36 17.39
CA VAL B 29 -4.23 -17.46 18.03
C VAL B 29 -3.19 -17.84 16.98
N GLY B 30 -2.12 -17.04 16.90
CA GLY B 30 -1.02 -17.26 15.99
C GLY B 30 -1.27 -16.59 14.66
N GLU B 31 -0.23 -16.55 13.83
CA GLU B 31 -0.33 -16.05 12.50
C GLU B 31 -1.05 -17.11 11.65
N PRO B 32 -1.93 -16.70 10.71
CA PRO B 32 -2.55 -17.68 9.83
C PRO B 32 -1.48 -18.38 8.99
N LYS B 33 -1.65 -19.67 8.82
CA LYS B 33 -0.86 -20.40 7.87
C LYS B 33 -1.55 -20.39 6.50
N SER B 34 -0.80 -20.90 5.51
CA SER B 34 -1.23 -20.92 4.16
C SER B 34 -2.65 -21.55 4.05
N LYS B 35 -2.88 -22.65 4.76
CA LYS B 35 -4.14 -23.37 4.73
C LYS B 35 -5.28 -22.52 5.32
N ASP B 36 -5.02 -21.75 6.38
CA ASP B 36 -6.00 -20.86 6.95
C ASP B 36 -6.41 -19.79 5.92
N ILE B 37 -5.43 -19.14 5.29
CA ILE B 37 -5.72 -18.19 4.22
C ILE B 37 -6.55 -18.89 3.13
N LEU B 38 -6.23 -20.16 2.83
CA LEU B 38 -6.83 -20.84 1.72
C LEU B 38 -8.30 -21.14 2.02
N LYS B 39 -8.63 -21.40 3.28
CA LYS B 39 -10.03 -21.61 3.60
C LYS B 39 -10.83 -20.33 3.30
N LEU B 40 -10.24 -19.17 3.53
CA LEU B 40 -10.88 -17.89 3.35
C LEU B 40 -11.02 -17.59 1.86
N ARG B 41 -9.94 -17.81 1.10
CA ARG B 41 -9.97 -17.59 -0.32
C ARG B 41 -10.98 -18.53 -1.01
N LEU B 42 -10.98 -19.81 -0.66
CA LEU B 42 -12.00 -20.74 -1.23
C LEU B 42 -13.41 -20.36 -0.74
N TYR B 43 -13.56 -19.98 0.52
CA TYR B 43 -14.87 -19.44 0.96
C TYR B 43 -15.36 -18.34 -0.01
N GLU B 44 -14.50 -17.39 -0.36
CA GLU B 44 -14.86 -16.27 -1.29
C GLU B 44 -15.10 -16.79 -2.70
N GLN B 45 -14.15 -17.61 -3.20
CA GLN B 45 -14.24 -18.18 -4.54
C GLN B 45 -15.50 -19.04 -4.73
N GLN B 46 -15.99 -19.68 -3.67
CA GLN B 46 -17.22 -20.49 -3.76
C GLN B 46 -18.47 -19.72 -3.28
N HIS B 47 -18.38 -18.39 -3.24
CA HIS B 47 -19.55 -17.55 -2.92
C HIS B 47 -20.13 -17.93 -1.55
N GLY B 48 -19.30 -18.38 -0.62
CA GLY B 48 -19.66 -18.68 0.76
C GLY B 48 -20.36 -20.02 0.96
N LYS B 49 -20.30 -20.92 -0.01
CA LYS B 49 -21.08 -22.18 0.03
C LYS B 49 -20.16 -23.41 -0.05
N CYS B 50 -20.43 -24.44 0.78
CA CYS B 50 -19.87 -25.83 0.62
C CYS B 50 -20.03 -26.30 -0.82
N LEU B 51 -18.94 -26.65 -1.49
CA LEU B 51 -19.03 -27.07 -2.89
C LEU B 51 -19.80 -28.40 -3.09
N TYR B 52 -19.81 -29.30 -2.10
CA TYR B 52 -20.46 -30.60 -2.32
C TYR B 52 -21.97 -30.55 -2.02
N SER B 53 -22.38 -29.80 -0.99
CA SER B 53 -23.75 -29.75 -0.54
C SER B 53 -24.49 -28.50 -1.02
N GLY B 54 -23.75 -27.42 -1.32
CA GLY B 54 -24.32 -26.13 -1.54
C GLY B 54 -24.81 -25.45 -0.26
N LYS B 55 -24.52 -26.02 0.90
CA LYS B 55 -24.89 -25.39 2.17
C LYS B 55 -24.02 -24.15 2.45
N GLU B 56 -24.64 -23.13 3.03
CA GLU B 56 -23.95 -21.89 3.45
C GLU B 56 -22.96 -22.24 4.54
N ILE B 57 -21.80 -21.63 4.47
CA ILE B 57 -20.74 -21.75 5.43
C ILE B 57 -20.86 -20.55 6.36
N ASN B 58 -20.92 -20.82 7.65
CA ASN B 58 -20.82 -19.76 8.66
C ASN B 58 -19.36 -19.28 8.72
N LEU B 59 -19.07 -18.10 8.15
CA LEU B 59 -17.70 -17.57 8.15
C LEU B 59 -17.18 -17.44 9.59
N GLY B 60 -18.04 -17.08 10.55
CA GLY B 60 -17.68 -16.96 11.96
C GLY B 60 -16.96 -18.20 12.48
N ARG B 61 -17.33 -19.38 11.93
CA ARG B 61 -16.86 -20.68 12.40
C ARG B 61 -15.80 -21.26 11.46
N LEU B 62 -15.31 -20.44 10.51
CA LEU B 62 -14.38 -20.93 9.50
C LEU B 62 -13.17 -21.65 10.13
N ASN B 63 -12.70 -21.18 11.28
CA ASN B 63 -11.45 -21.75 11.83
C ASN B 63 -11.74 -22.81 12.89
N GLU B 64 -12.99 -23.27 12.96
CA GLU B 64 -13.40 -24.26 13.94
C GLU B 64 -12.98 -25.65 13.44
N LYS B 65 -12.22 -26.40 14.24
CA LYS B 65 -11.80 -27.73 13.80
C LYS B 65 -13.06 -28.56 13.56
N GLY B 66 -13.05 -29.37 12.51
CA GLY B 66 -14.19 -30.18 12.15
C GLY B 66 -15.15 -29.46 11.20
N TYR B 67 -15.35 -28.14 11.36
CA TYR B 67 -16.46 -27.43 10.72
C TYR B 67 -16.34 -27.48 9.19
N VAL B 68 -15.29 -26.90 8.61
CA VAL B 68 -15.08 -26.97 7.15
C VAL B 68 -13.74 -27.64 6.93
N GLU B 69 -13.53 -28.23 5.76
CA GLU B 69 -12.25 -28.75 5.43
C GLU B 69 -11.98 -28.59 3.93
N ILE B 70 -10.69 -28.54 3.65
CA ILE B 70 -10.18 -28.51 2.32
C ILE B 70 -10.00 -29.98 1.93
N ASP B 71 -10.57 -30.35 0.80
CA ASP B 71 -10.45 -31.67 0.26
C ASP B 71 -9.87 -31.54 -1.14
N HIS B 72 -9.29 -32.65 -1.59
CA HIS B 72 -8.92 -32.89 -2.94
C HIS B 72 -10.18 -33.41 -3.61
N ALA B 73 -10.70 -32.68 -4.60
CA ALA B 73 -11.88 -33.09 -5.27
C ALA B 73 -11.59 -34.41 -6.01
N LEU B 74 -10.33 -34.61 -6.40
CA LEU B 74 -9.87 -35.83 -7.09
C LEU B 74 -8.85 -36.63 -6.29
N PRO B 75 -8.86 -37.97 -6.40
CA PRO B 75 -7.81 -38.80 -5.82
C PRO B 75 -6.52 -38.70 -6.65
N PHE B 76 -5.42 -39.24 -6.12
CA PHE B 76 -4.12 -39.15 -6.80
C PHE B 76 -4.07 -40.05 -8.02
N SER B 77 -5.21 -40.61 -8.45
CA SER B 77 -5.14 -41.45 -9.67
C SER B 77 -5.26 -40.54 -10.89
N ARG B 78 -5.61 -39.27 -10.67
CA ARG B 78 -5.87 -38.28 -11.72
C ARG B 78 -4.88 -37.10 -11.56
N THR B 79 -3.99 -37.21 -10.58
CA THR B 79 -2.95 -36.21 -10.29
C THR B 79 -1.76 -36.92 -9.66
N TRP B 80 -0.64 -37.07 -10.36
CA TRP B 80 0.34 -38.01 -9.81
C TRP B 80 0.66 -37.48 -8.44
N ASP B 81 1.21 -36.26 -8.49
CA ASP B 81 1.54 -35.53 -7.31
C ASP B 81 1.44 -34.12 -7.84
N ASP B 82 0.66 -33.23 -7.21
CA ASP B 82 0.80 -31.78 -7.35
C ASP B 82 0.84 -31.26 -8.80
N SER B 83 0.15 -31.90 -9.74
CA SER B 83 0.03 -31.33 -11.09
C SER B 83 -1.27 -30.51 -11.20
N PHE B 84 -2.07 -30.61 -10.14
CA PHE B 84 -3.40 -30.04 -9.96
C PHE B 84 -3.39 -28.67 -9.26
N ASN B 85 -4.62 -28.19 -9.06
CA ASN B 85 -4.96 -27.14 -8.11
C ASN B 85 -6.31 -27.44 -7.44
N ASN B 86 -6.77 -28.71 -7.56
CA ASN B 86 -8.17 -29.19 -7.34
C ASN B 86 -8.60 -29.25 -5.86
N LYS B 87 -8.13 -28.31 -5.06
CA LYS B 87 -8.50 -28.21 -3.65
C LYS B 87 -9.81 -27.43 -3.53
N VAL B 88 -10.79 -28.02 -2.83
CA VAL B 88 -12.09 -27.39 -2.68
C VAL B 88 -12.46 -27.36 -1.19
N LEU B 89 -13.32 -26.40 -0.82
CA LEU B 89 -13.76 -26.24 0.58
C LEU B 89 -15.17 -26.81 0.74
N VAL B 90 -15.33 -27.63 1.77
CA VAL B 90 -16.51 -28.42 2.01
C VAL B 90 -16.75 -28.44 3.52
N LEU B 91 -18.03 -28.49 3.89
CA LEU B 91 -18.41 -28.58 5.28
C LEU B 91 -17.98 -29.96 5.79
N GLY B 92 -17.66 -30.02 7.09
CA GLY B 92 -17.25 -31.26 7.77
C GLY B 92 -18.24 -32.39 7.53
N SER B 93 -19.52 -32.10 7.72
CA SER B 93 -20.60 -33.09 7.72
C SER B 93 -21.11 -33.42 6.31
N GLU B 94 -20.32 -33.18 5.25
CA GLU B 94 -20.81 -33.43 3.89
C GLU B 94 -19.81 -34.21 3.01
N ASN B 95 -18.67 -34.69 3.52
CA ASN B 95 -17.65 -35.33 2.61
C ASN B 95 -17.13 -36.70 3.07
N GLN B 96 -17.96 -37.58 3.62
CA GLN B 96 -17.47 -38.89 4.13
C GLN B 96 -17.81 -40.04 3.16
N ASN B 97 -18.92 -39.89 2.43
CA ASN B 97 -19.33 -40.95 1.51
C ASN B 97 -18.48 -40.91 0.24
N LYS B 98 -17.58 -39.92 0.12
CA LYS B 98 -16.95 -39.67 -1.16
C LYS B 98 -15.78 -40.62 -1.37
N GLY B 99 -15.03 -40.94 -0.30
CA GLY B 99 -13.93 -41.91 -0.36
C GLY B 99 -12.91 -41.55 -1.44
N ASN B 100 -12.79 -42.42 -2.46
CA ASN B 100 -11.87 -42.21 -3.58
C ASN B 100 -12.61 -42.00 -4.91
N GLN B 101 -13.89 -41.63 -4.88
CA GLN B 101 -14.61 -41.35 -6.11
C GLN B 101 -14.26 -39.94 -6.59
N THR B 102 -14.35 -39.70 -7.90
CA THR B 102 -14.27 -38.36 -8.39
C THR B 102 -15.65 -37.72 -8.27
N PRO B 103 -15.76 -36.39 -8.47
CA PRO B 103 -17.04 -35.75 -8.25
C PRO B 103 -18.05 -36.29 -9.27
N TYR B 104 -17.59 -36.47 -10.52
CA TYR B 104 -18.42 -37.06 -11.62
C TYR B 104 -19.08 -38.37 -11.16
N GLU B 105 -18.26 -39.24 -10.56
CA GLU B 105 -18.67 -40.51 -9.99
C GLU B 105 -19.69 -40.31 -8.87
N TYR B 106 -19.25 -39.60 -7.85
CA TYR B 106 -20.00 -39.37 -6.65
C TYR B 106 -21.38 -38.77 -6.94
N PHE B 107 -21.53 -37.90 -7.95
CA PHE B 107 -22.75 -37.10 -8.11
C PHE B 107 -23.62 -37.61 -9.26
N ASN B 108 -23.24 -38.76 -9.83
CA ASN B 108 -24.05 -39.42 -10.82
C ASN B 108 -24.17 -38.58 -12.10
N GLY B 109 -23.01 -38.17 -12.58
CA GLY B 109 -22.87 -37.42 -13.84
C GLY B 109 -23.43 -38.16 -15.05
N LYS B 110 -23.14 -39.45 -15.21
CA LYS B 110 -23.55 -40.19 -16.45
C LYS B 110 -25.07 -40.11 -16.63
N ASP B 111 -25.80 -40.19 -15.51
CA ASP B 111 -27.26 -40.05 -15.48
C ASP B 111 -27.69 -38.59 -15.58
N ASN B 112 -26.72 -37.67 -15.49
CA ASN B 112 -27.01 -36.24 -15.46
C ASN B 112 -28.04 -35.94 -14.37
N SER B 113 -27.82 -36.50 -13.17
CA SER B 113 -28.63 -36.18 -11.99
C SER B 113 -28.77 -34.65 -11.84
N ARG B 114 -29.90 -34.24 -11.25
CA ARG B 114 -30.12 -32.83 -10.94
C ARG B 114 -29.10 -32.35 -9.88
N GLU B 115 -28.55 -33.26 -9.09
CA GLU B 115 -27.56 -32.85 -8.13
C GLU B 115 -26.18 -32.77 -8.81
N TRP B 116 -25.91 -33.64 -9.79
CA TRP B 116 -24.77 -33.44 -10.65
C TRP B 116 -24.88 -32.04 -11.29
N GLN B 117 -26.03 -31.70 -11.86
CA GLN B 117 -26.23 -30.41 -12.55
C GLN B 117 -25.95 -29.23 -11.59
N GLU B 118 -26.31 -29.39 -10.31
CA GLU B 118 -26.17 -28.36 -9.34
C GLU B 118 -24.70 -28.20 -8.96
N PHE B 119 -24.02 -29.33 -8.69
CA PHE B 119 -22.63 -29.33 -8.44
C PHE B 119 -21.88 -28.61 -9.58
N LYS B 120 -22.19 -29.02 -10.81
CA LYS B 120 -21.55 -28.46 -11.98
C LYS B 120 -21.79 -26.95 -12.00
N ALA B 121 -23.04 -26.55 -11.86
CA ALA B 121 -23.38 -25.08 -11.75
C ALA B 121 -22.55 -24.35 -10.68
N ARG B 122 -22.33 -24.97 -9.51
CA ARG B 122 -21.54 -24.29 -8.44
C ARG B 122 -20.06 -24.18 -8.84
N VAL B 123 -19.55 -25.20 -9.54
CA VAL B 123 -18.20 -25.15 -9.99
C VAL B 123 -18.10 -24.01 -11.00
N GLU B 124 -19.03 -23.96 -11.95
CA GLU B 124 -18.84 -23.06 -13.09
C GLU B 124 -19.10 -21.59 -12.74
N THR B 125 -19.89 -21.31 -11.70
CA THR B 125 -20.11 -19.93 -11.31
C THR B 125 -19.11 -19.54 -10.22
N SER B 126 -18.32 -20.52 -9.76
CA SER B 126 -17.26 -20.23 -8.84
C SER B 126 -16.23 -19.31 -9.51
N ARG B 127 -15.33 -18.82 -8.69
CA ARG B 127 -14.26 -18.00 -9.19
C ARG B 127 -12.96 -18.79 -9.27
N PHE B 128 -13.06 -20.12 -9.35
CA PHE B 128 -11.84 -20.94 -9.46
C PHE B 128 -11.18 -20.64 -10.79
N PRO B 129 -9.83 -20.74 -10.92
CA PRO B 129 -9.21 -20.74 -12.24
C PRO B 129 -9.97 -21.66 -13.18
N ARG B 130 -10.07 -21.22 -14.44
CA ARG B 130 -10.69 -21.97 -15.50
C ARG B 130 -10.20 -23.43 -15.52
N SER B 131 -8.90 -23.64 -15.32
CA SER B 131 -8.34 -24.99 -15.44
C SER B 131 -8.82 -25.89 -14.30
N LYS B 132 -9.02 -25.28 -13.12
CA LYS B 132 -9.44 -25.95 -11.91
C LYS B 132 -10.88 -26.44 -12.12
N LYS B 133 -11.74 -25.54 -12.59
CA LYS B 133 -13.09 -25.89 -12.95
C LYS B 133 -13.09 -27.15 -13.80
N GLN B 134 -12.23 -27.19 -14.83
CA GLN B 134 -12.16 -28.38 -15.75
C GLN B 134 -11.71 -29.66 -15.04
N ARG B 135 -10.56 -29.64 -14.36
CA ARG B 135 -10.06 -30.82 -13.57
C ARG B 135 -11.21 -31.40 -12.72
N ILE B 136 -11.89 -30.50 -11.98
CA ILE B 136 -12.93 -30.88 -11.00
C ILE B 136 -14.07 -31.63 -11.70
N LEU B 137 -14.39 -31.24 -12.92
CA LEU B 137 -15.55 -31.80 -13.59
C LEU B 137 -15.19 -33.03 -14.45
N LEU B 138 -14.03 -33.66 -14.16
CA LEU B 138 -13.50 -34.86 -14.86
C LEU B 138 -13.29 -34.50 -16.34
N ALA C 2 0.43 3.38 -1.86
CA ALA C 2 0.64 3.85 -0.45
C ALA C 2 2.09 4.28 -0.31
N PHE C 3 2.31 5.38 0.41
CA PHE C 3 3.67 5.80 0.71
C PHE C 3 4.25 4.95 1.83
N LYS C 4 5.41 4.33 1.57
CA LYS C 4 6.13 3.67 2.60
C LYS C 4 7.61 4.04 2.59
N ARG C 5 8.24 3.78 3.74
CA ARG C 5 9.66 3.83 3.90
C ARG C 5 10.20 2.40 3.95
N ALA C 6 11.24 2.15 3.16
CA ALA C 6 12.10 1.00 3.37
C ALA C 6 13.24 1.44 4.28
N ILE C 7 13.18 0.98 5.54
CA ILE C 7 14.23 1.23 6.45
C ILE C 7 15.31 0.17 6.24
N ILE C 8 16.54 0.64 6.01
CA ILE C 8 17.69 -0.19 5.74
C ILE C 8 18.75 0.11 6.79
N PHE C 9 19.24 -0.94 7.45
CA PHE C 9 20.33 -0.85 8.36
C PHE C 9 21.45 -1.75 7.83
N THR C 10 22.58 -1.11 7.53
CA THR C 10 23.76 -1.78 7.01
C THR C 10 24.83 -1.76 8.10
N SER C 11 25.50 -2.90 8.33
CA SER C 11 26.51 -3.01 9.42
C SER C 11 27.57 -4.05 9.04
N PHE C 12 28.80 -3.78 9.45
CA PHE C 12 29.91 -4.56 9.03
C PHE C 12 30.21 -5.55 10.16
N ASN C 13 29.83 -6.82 9.95
CA ASN C 13 29.99 -7.83 10.99
C ASN C 13 31.40 -8.41 10.88
N GLY C 14 31.89 -8.54 9.67
CA GLY C 14 33.29 -8.71 9.43
C GLY C 14 34.00 -7.36 9.49
N PHE C 15 33.97 -6.74 10.68
CA PHE C 15 34.63 -5.44 10.91
C PHE C 15 35.96 -5.39 10.14
N GLU C 16 36.67 -6.52 10.23
CA GLU C 16 37.97 -6.76 9.63
C GLU C 16 37.90 -6.80 8.10
N LYS C 17 37.03 -7.68 7.57
CA LYS C 17 37.23 -8.34 6.29
C LYS C 17 36.54 -7.60 5.13
N VAL C 18 35.75 -6.56 5.43
CA VAL C 18 34.90 -5.93 4.40
C VAL C 18 35.82 -5.20 3.41
N SER C 19 35.75 -5.59 2.14
CA SER C 19 36.63 -5.01 1.13
C SER C 19 36.10 -3.65 0.63
N ARG C 20 37.00 -2.90 -0.02
CA ARG C 20 36.75 -1.58 -0.54
C ARG C 20 35.76 -1.67 -1.70
N THR C 21 35.95 -2.71 -2.50
CA THR C 21 35.08 -3.06 -3.59
C THR C 21 33.65 -3.30 -3.11
N GLU C 22 33.50 -4.07 -2.03
CA GLU C 22 32.17 -4.37 -1.48
C GLU C 22 31.48 -3.07 -1.02
N LYS C 23 32.21 -2.25 -0.28
CA LYS C 23 31.67 -1.01 0.17
C LYS C 23 31.18 -0.19 -1.05
N ARG C 24 31.99 -0.17 -2.11
CA ARG C 24 31.69 0.61 -3.31
C ARG C 24 30.42 0.08 -3.98
N ARG C 25 30.25 -1.24 -3.98
CA ARG C 25 29.07 -1.84 -4.62
C ARG C 25 27.79 -1.53 -3.83
N LEU C 26 27.88 -1.50 -2.50
CA LEU C 26 26.73 -1.18 -1.63
C LEU C 26 26.36 0.27 -1.87
N ALA C 27 27.36 1.18 -1.90
CA ALA C 27 27.13 2.59 -2.01
C ALA C 27 26.44 2.93 -3.33
N LYS C 28 26.75 2.16 -4.36
CA LYS C 28 26.23 2.28 -5.69
C LYS C 28 24.76 1.81 -5.75
N ILE C 29 24.41 0.77 -5.01
CA ILE C 29 23.04 0.30 -4.94
C ILE C 29 22.19 1.36 -4.24
N ILE C 30 22.71 1.86 -3.13
CA ILE C 30 22.01 2.91 -2.38
C ILE C 30 21.79 4.12 -3.30
N ASN C 31 22.90 4.59 -3.88
CA ASN C 31 22.96 5.87 -4.67
C ASN C 31 22.06 5.85 -5.93
N ALA C 32 21.72 4.67 -6.46
CA ALA C 32 20.66 4.50 -7.48
C ALA C 32 19.33 5.16 -7.07
N ARG C 33 18.97 5.13 -5.78
CA ARG C 33 17.66 5.64 -5.37
C ARG C 33 17.74 7.11 -4.96
N VAL C 34 18.96 7.65 -4.82
CA VAL C 34 19.22 9.02 -4.28
C VAL C 34 19.13 10.10 -5.37
N SER C 35 18.40 11.17 -5.09
CA SER C 35 18.29 12.29 -6.01
C SER C 35 18.43 13.55 -5.17
N ILE C 36 18.32 14.74 -5.78
CA ILE C 36 18.43 16.00 -4.99
C ILE C 36 17.34 16.06 -3.90
N ILE C 37 16.30 15.24 -4.01
CA ILE C 37 15.18 15.29 -3.11
C ILE C 37 15.62 14.77 -1.73
N ASP C 38 16.53 13.77 -1.76
CA ASP C 38 16.94 13.07 -0.55
C ASP C 38 18.47 12.92 -0.55
N GLU C 39 19.15 14.03 -0.86
CA GLU C 39 20.60 14.07 -0.97
C GLU C 39 21.23 13.48 0.29
N TYR C 40 20.65 13.78 1.45
CA TYR C 40 21.13 13.29 2.75
C TYR C 40 21.37 11.76 2.73
N LEU C 41 20.69 11.02 1.87
CA LEU C 41 20.84 9.59 1.87
C LEU C 41 22.10 9.11 1.16
N ARG C 42 22.82 10.03 0.49
CA ARG C 42 23.86 9.62 -0.41
C ARG C 42 24.95 8.89 0.39
N ALA C 43 25.55 7.86 -0.21
CA ALA C 43 26.47 6.97 0.46
C ALA C 43 27.84 7.05 -0.20
N LYS C 44 28.87 7.00 0.63
CA LYS C 44 30.23 6.91 0.20
C LYS C 44 30.68 5.49 0.45
N ASP C 45 31.86 5.14 -0.08
CA ASP C 45 32.39 3.80 0.01
C ASP C 45 33.20 3.62 1.30
N THR C 46 32.64 4.03 2.44
CA THR C 46 33.38 4.22 3.69
C THR C 46 32.58 3.64 4.88
N ASN C 47 33.31 3.42 5.98
CA ASN C 47 32.73 2.90 7.23
C ASN C 47 31.80 3.93 7.86
N ALA C 48 32.31 5.16 7.96
CA ALA C 48 31.57 6.28 8.45
C ALA C 48 30.20 6.41 7.74
N SER C 49 30.15 6.12 6.45
CA SER C 49 28.93 6.36 5.68
C SER C 49 27.97 5.16 5.79
N LEU C 50 28.53 3.95 5.85
CA LEU C 50 27.78 2.73 5.68
C LEU C 50 27.61 1.95 7.00
N ASP C 51 28.61 1.98 7.90
CA ASP C 51 28.63 0.99 8.98
C ASP C 51 27.78 1.43 10.17
N GLY C 52 26.70 0.68 10.39
CA GLY C 52 25.80 0.91 11.51
C GLY C 52 24.86 2.05 11.21
N GLN C 53 24.51 2.24 9.94
CA GLN C 53 23.72 3.38 9.58
C GLN C 53 22.35 2.95 9.07
N TYR C 54 21.36 3.72 9.50
CA TYR C 54 20.00 3.61 9.01
C TYR C 54 19.79 4.57 7.84
N ARG C 55 19.12 4.10 6.80
CA ARG C 55 18.57 5.05 5.82
C ARG C 55 17.14 4.63 5.53
N ALA C 56 16.30 5.62 5.26
CA ALA C 56 14.90 5.47 5.08
C ALA C 56 14.48 5.92 3.68
N PHE C 57 14.22 4.97 2.78
CA PHE C 57 13.96 5.28 1.36
C PHE C 57 12.45 5.34 1.12
N LEU C 58 11.97 6.49 0.68
CA LEU C 58 10.56 6.73 0.43
C LEU C 58 10.13 6.09 -0.90
N PHE C 59 9.01 5.36 -0.85
CA PHE C 59 8.46 4.70 -2.00
C PHE C 59 6.95 4.92 -2.02
N ASN C 60 6.44 4.99 -3.25
CA ASN C 60 5.05 4.72 -3.47
C ASN C 60 4.98 3.23 -3.84
N ASP C 61 4.35 2.43 -3.01
CA ASP C 61 4.41 0.94 -3.25
C ASP C 61 3.59 0.49 -4.47
N GLU C 62 2.74 1.35 -5.03
CA GLU C 62 2.12 1.11 -6.35
C GLU C 62 3.19 0.78 -7.41
N SER C 63 4.39 1.35 -7.27
CA SER C 63 5.51 1.09 -8.20
C SER C 63 6.32 -0.13 -7.77
N PRO C 64 6.75 -0.97 -8.75
CA PRO C 64 7.64 -2.10 -8.47
C PRO C 64 9.06 -1.65 -8.12
N ALA C 65 9.28 -0.35 -7.98
CA ALA C 65 10.56 0.19 -7.59
C ALA C 65 10.99 -0.35 -6.19
N MET C 66 10.06 -0.40 -5.23
CA MET C 66 10.42 -0.81 -3.90
C MET C 66 10.97 -2.24 -3.95
N THR C 67 10.20 -3.14 -4.55
CA THR C 67 10.56 -4.53 -4.66
C THR C 67 11.93 -4.70 -5.36
N GLU C 68 12.17 -3.90 -6.42
CA GLU C 68 13.41 -4.01 -7.21
C GLU C 68 14.61 -3.62 -6.36
N PHE C 69 14.48 -2.55 -5.58
CA PHE C 69 15.51 -2.06 -4.74
C PHE C 69 15.83 -3.00 -3.59
N LEU C 70 14.79 -3.49 -2.92
CA LEU C 70 14.94 -4.51 -1.84
C LEU C 70 15.62 -5.79 -2.34
N ALA C 71 15.24 -6.23 -3.53
CA ALA C 71 15.81 -7.40 -4.18
C ALA C 71 17.28 -7.20 -4.53
N LYS C 72 17.66 -5.97 -4.93
CA LYS C 72 19.08 -5.65 -5.13
C LYS C 72 19.85 -5.70 -3.80
N LEU C 73 19.29 -5.08 -2.76
CA LEU C 73 19.99 -5.07 -1.48
C LEU C 73 20.23 -6.49 -0.98
N LYS C 74 19.21 -7.31 -1.09
CA LYS C 74 19.19 -8.64 -0.50
C LYS C 74 20.19 -9.56 -1.21
N ALA C 75 20.14 -9.56 -2.54
CA ALA C 75 21.11 -10.27 -3.36
C ALA C 75 22.54 -9.80 -3.05
N PHE C 76 22.76 -8.47 -2.97
CA PHE C 76 24.07 -7.99 -2.62
C PHE C 76 24.54 -8.54 -1.28
N ALA C 77 23.75 -8.33 -0.21
CA ALA C 77 24.13 -8.85 1.08
C ALA C 77 24.41 -10.38 1.03
N GLU C 78 23.61 -11.17 0.30
CA GLU C 78 23.81 -12.62 0.23
C GLU C 78 25.20 -12.98 -0.39
N SER C 79 25.70 -12.11 -1.26
CA SER C 79 26.98 -12.21 -2.00
C SER C 79 28.23 -11.96 -1.11
N CYS C 80 28.04 -11.32 0.04
CA CYS C 80 29.08 -10.62 0.76
C CYS C 80 29.16 -11.16 2.21
N THR C 81 30.37 -11.54 2.65
CA THR C 81 30.53 -12.34 3.88
C THR C 81 30.53 -11.49 5.15
N GLY C 82 30.83 -10.20 5.06
CA GLY C 82 30.93 -9.39 6.25
C GLY C 82 30.04 -8.17 6.29
N ILE C 83 29.09 -8.04 5.36
CA ILE C 83 28.14 -6.93 5.34
C ILE C 83 26.72 -7.45 5.59
N SER C 84 26.17 -7.07 6.75
CA SER C 84 24.84 -7.48 7.15
C SER C 84 23.84 -6.36 6.76
N ILE C 85 22.68 -6.73 6.25
CA ILE C 85 21.65 -5.79 5.93
C ILE C 85 20.32 -6.29 6.48
N ASP C 86 19.65 -5.36 7.16
CA ASP C 86 18.41 -5.58 7.79
C ASP C 86 17.44 -4.53 7.22
N ALA C 87 16.25 -4.97 6.87
CA ALA C 87 15.34 -4.11 6.16
C ALA C 87 13.96 -4.20 6.78
N TRP C 88 13.31 -3.04 6.96
CA TRP C 88 11.96 -2.93 7.47
C TRP C 88 11.12 -1.98 6.59
N GLU C 89 9.81 -2.23 6.49
CA GLU C 89 8.88 -1.22 5.95
C GLU C 89 8.02 -0.63 7.07
N ILE C 90 7.64 0.64 6.88
CA ILE C 90 6.72 1.37 7.72
C ILE C 90 5.93 2.34 6.82
N GLU C 91 4.67 2.52 7.17
CA GLU C 91 3.82 3.45 6.42
C GLU C 91 4.33 4.89 6.63
N GLU C 92 4.32 5.71 5.57
CA GLU C 92 4.81 7.09 5.66
C GLU C 92 4.02 7.88 6.74
N SER C 93 2.71 7.65 6.82
CA SER C 93 1.83 8.34 7.83
C SER C 93 2.35 8.10 9.24
N GLU C 94 2.88 6.89 9.45
CA GLU C 94 3.43 6.51 10.73
C GLU C 94 4.81 7.15 10.91
N TYR C 95 5.64 7.11 9.87
CA TYR C 95 7.02 7.59 9.91
C TYR C 95 7.09 9.07 10.31
N VAL C 96 6.26 9.87 9.67
CA VAL C 96 6.31 11.32 9.83
C VAL C 96 5.79 11.71 11.24
N ARG C 97 5.02 10.84 11.90
CA ARG C 97 4.56 11.17 13.29
C ARG C 97 5.61 10.78 14.30
N LEU C 98 6.60 9.98 13.88
CA LEU C 98 7.62 9.61 14.82
C LEU C 98 8.42 10.86 15.15
N PRO C 99 9.13 10.87 16.31
CA PRO C 99 10.08 11.94 16.60
C PRO C 99 11.17 12.03 15.53
N VAL C 100 11.77 13.22 15.40
CA VAL C 100 12.83 13.41 14.52
C VAL C 100 14.07 12.71 15.10
N GLU C 101 14.35 12.93 16.38
CA GLU C 101 15.56 12.36 16.94
C GLU C 101 15.41 10.83 16.90
N ARG C 102 16.50 10.15 16.52
CA ARG C 102 16.58 8.69 16.26
C ARG C 102 15.39 8.17 15.46
N ARG C 103 14.84 8.93 14.49
CA ARG C 103 13.63 8.50 13.84
C ARG C 103 13.78 7.08 13.24
N ASP C 104 14.84 6.85 12.48
CA ASP C 104 14.95 5.63 11.70
C ASP C 104 15.06 4.38 12.62
N PHE C 105 15.86 4.49 13.67
CA PHE C 105 15.91 3.46 14.72
C PHE C 105 14.52 3.21 15.25
N LEU C 106 13.75 4.27 15.52
CA LEU C 106 12.40 4.03 16.04
C LEU C 106 11.50 3.43 14.94
N ALA C 107 11.71 3.82 13.69
CA ALA C 107 10.89 3.27 12.66
C ALA C 107 11.23 1.77 12.51
N ALA C 108 12.52 1.42 12.64
CA ALA C 108 12.94 0.00 12.58
C ALA C 108 12.26 -0.79 13.70
N ALA C 109 12.31 -0.27 14.94
CA ALA C 109 11.53 -0.91 16.08
C ALA C 109 10.02 -1.06 15.78
N ASN C 110 9.42 -0.10 15.06
CA ASN C 110 7.97 -0.01 14.89
C ASN C 110 7.53 -0.58 13.53
N GLY C 111 8.50 -1.02 12.71
CA GLY C 111 8.22 -1.43 11.36
C GLY C 111 8.02 -2.94 11.28
N LYS C 112 7.57 -3.37 10.11
CA LYS C 112 7.48 -4.78 9.76
C LYS C 112 8.81 -5.18 9.10
N GLU C 113 9.47 -6.18 9.67
CA GLU C 113 10.75 -6.58 9.13
C GLU C 113 10.55 -7.31 7.81
N ILE C 114 11.41 -6.98 6.84
CA ILE C 114 11.39 -7.57 5.52
C ILE C 114 12.34 -8.75 5.50
N PHE C 115 13.62 -8.50 5.73
CA PHE C 115 14.64 -9.49 5.64
C PHE C 115 15.80 -9.01 6.52
N LYS C 116 16.61 -9.97 6.91
CA LYS C 116 17.83 -9.74 7.62
C LYS C 116 18.88 -10.73 7.08
N ILE C 117 19.88 -10.18 6.43
CA ILE C 117 21.01 -10.94 5.92
C ILE C 117 22.26 -10.56 6.72
N GLY D 1 32.83 24.64 -22.86
CA GLY D 1 32.40 23.40 -22.26
C GLY D 1 31.83 23.62 -20.85
N GLU D 2 32.45 24.46 -20.01
CA GLU D 2 32.04 24.54 -18.55
C GLU D 2 30.54 24.81 -18.46
N ILE D 3 30.07 25.84 -19.16
CA ILE D 3 28.63 26.14 -19.31
C ILE D 3 27.85 24.86 -19.72
N GLU D 4 28.35 24.13 -20.73
CA GLU D 4 27.69 22.98 -21.34
C GLU D 4 27.72 21.79 -20.39
N LYS D 5 28.84 21.61 -19.67
CA LYS D 5 28.96 20.62 -18.60
C LYS D 5 27.90 20.82 -17.53
N ARG D 6 27.69 22.10 -17.17
CA ARG D 6 26.82 22.45 -16.07
C ARG D 6 25.38 22.24 -16.48
N GLN D 7 25.09 22.62 -17.74
CA GLN D 7 23.77 22.41 -18.36
C GLN D 7 23.44 20.92 -18.25
N GLU D 8 24.39 20.07 -18.64
CA GLU D 8 24.18 18.63 -18.71
C GLU D 8 24.03 18.10 -17.29
N GLU D 9 24.93 18.48 -16.37
CA GLU D 9 24.76 18.06 -14.94
C GLU D 9 23.36 18.46 -14.45
N ASN D 10 22.90 19.67 -14.81
CA ASN D 10 21.60 20.20 -14.29
C ASN D 10 20.43 19.38 -14.85
N ARG D 11 20.50 18.99 -16.14
CA ARG D 11 19.49 18.18 -16.80
C ARG D 11 19.43 16.81 -16.12
N LYS D 12 20.61 16.18 -15.93
CA LYS D 12 20.71 14.89 -15.18
C LYS D 12 19.98 15.03 -13.83
N ASP D 13 20.29 16.09 -13.07
CA ASP D 13 19.66 16.27 -11.74
C ASP D 13 18.14 16.38 -11.88
N ARG D 14 17.64 17.20 -12.83
CA ARG D 14 16.21 17.42 -12.93
C ARG D 14 15.48 16.12 -13.34
N GLU D 15 16.05 15.34 -14.29
CA GLU D 15 15.50 14.06 -14.73
C GLU D 15 15.41 13.09 -13.53
N LYS D 16 16.49 12.94 -12.74
CA LYS D 16 16.45 12.04 -11.61
C LYS D 16 15.36 12.52 -10.63
N ALA D 17 15.30 13.83 -10.38
CA ALA D 17 14.30 14.36 -9.43
C ALA D 17 12.88 14.13 -9.99
N ALA D 18 12.68 14.43 -11.29
CA ALA D 18 11.37 14.33 -11.90
C ALA D 18 10.85 12.88 -11.90
N ALA D 19 11.74 11.92 -12.17
CA ALA D 19 11.45 10.48 -12.21
C ALA D 19 10.91 10.01 -10.85
N LYS D 20 11.61 10.35 -9.77
CA LYS D 20 11.11 10.15 -8.43
C LYS D 20 9.73 10.81 -8.29
N PHE D 21 9.60 12.07 -8.68
CA PHE D 21 8.32 12.79 -8.50
C PHE D 21 7.18 12.05 -9.22
N ARG D 22 7.41 11.53 -10.42
CA ARG D 22 6.37 10.88 -11.16
C ARG D 22 6.02 9.56 -10.48
N GLU D 23 7.03 8.82 -10.00
CA GLU D 23 6.79 7.60 -9.26
C GLU D 23 5.84 7.90 -8.08
N TYR D 24 6.08 9.01 -7.40
CA TYR D 24 5.33 9.29 -6.20
C TYR D 24 3.91 9.75 -6.54
N PHE D 25 3.79 10.41 -7.70
CA PHE D 25 2.59 11.17 -8.02
C PHE D 25 2.20 10.82 -9.43
N PRO D 26 1.85 9.55 -9.65
CA PRO D 26 1.33 9.11 -10.93
C PRO D 26 -0.06 9.76 -10.95
N ASN D 27 -0.52 10.07 -12.14
CA ASN D 27 -1.81 10.81 -12.39
C ASN D 27 -1.62 12.32 -12.09
N PHE D 28 -0.41 12.78 -11.73
CA PHE D 28 -0.16 14.21 -11.71
C PHE D 28 -0.04 14.66 -13.17
N VAL D 29 -0.87 15.62 -13.60
CA VAL D 29 -0.98 15.93 -15.03
C VAL D 29 0.09 16.96 -15.38
N GLY D 30 0.97 16.58 -16.31
CA GLY D 30 2.07 17.40 -16.77
C GLY D 30 3.33 17.05 -16.03
N GLU D 31 4.47 17.53 -16.54
CA GLU D 31 5.75 17.39 -15.90
C GLU D 31 5.85 18.33 -14.71
N PRO D 32 6.51 17.90 -13.61
CA PRO D 32 6.63 18.76 -12.45
C PRO D 32 7.50 19.97 -12.78
N LYS D 33 7.17 21.10 -12.18
CA LYS D 33 8.01 22.24 -12.26
C LYS D 33 8.95 22.30 -11.06
N SER D 34 9.89 23.25 -11.15
CA SER D 34 10.88 23.43 -10.16
C SER D 34 10.20 23.52 -8.77
N LYS D 35 9.06 24.21 -8.70
CA LYS D 35 8.33 24.47 -7.45
C LYS D 35 7.79 23.15 -6.85
N ASP D 36 7.24 22.31 -7.72
CA ASP D 36 6.68 21.03 -7.31
C ASP D 36 7.79 20.14 -6.72
N ILE D 37 8.93 20.06 -7.42
CA ILE D 37 10.08 19.33 -6.88
C ILE D 37 10.46 19.93 -5.51
N LEU D 38 10.44 21.27 -5.43
CA LEU D 38 10.93 21.97 -4.23
C LEU D 38 10.03 21.63 -3.03
N LYS D 39 8.74 21.48 -3.25
CA LYS D 39 7.85 21.08 -2.19
C LYS D 39 8.23 19.69 -1.64
N LEU D 40 8.58 18.75 -2.52
CA LEU D 40 8.95 17.41 -2.15
C LEU D 40 10.26 17.40 -1.36
N ARG D 41 11.25 18.18 -1.83
CA ARG D 41 12.53 18.31 -1.16
C ARG D 41 12.34 18.95 0.22
N LEU D 42 11.58 20.04 0.33
CA LEU D 42 11.33 20.66 1.67
C LEU D 42 10.58 19.66 2.55
N TYR D 43 9.58 18.99 2.00
CA TYR D 43 8.87 17.96 2.76
C TYR D 43 9.89 17.02 3.39
N GLU D 44 10.84 16.54 2.59
CA GLU D 44 11.89 15.58 3.08
C GLU D 44 12.83 16.22 4.09
N GLN D 45 13.28 17.44 3.78
CA GLN D 45 14.22 18.17 4.60
C GLN D 45 13.62 18.57 5.96
N GLN D 46 12.30 18.74 6.01
CA GLN D 46 11.59 19.06 7.22
C GLN D 46 10.99 17.80 7.91
N HIS D 47 11.42 16.61 7.51
CA HIS D 47 10.97 15.39 8.17
C HIS D 47 9.44 15.20 8.06
N GLY D 48 8.82 15.69 6.99
CA GLY D 48 7.41 15.57 6.71
C GLY D 48 6.50 16.45 7.59
N LYS D 49 7.03 17.51 8.19
CA LYS D 49 6.24 18.34 9.10
C LYS D 49 6.24 19.79 8.62
N CYS D 50 5.07 20.43 8.74
CA CYS D 50 4.91 21.88 8.57
C CYS D 50 5.90 22.66 9.48
N LEU D 51 6.70 23.56 8.90
CA LEU D 51 7.70 24.17 9.74
C LEU D 51 7.11 25.13 10.79
N TYR D 52 5.93 25.72 10.57
CA TYR D 52 5.44 26.73 11.53
C TYR D 52 4.65 26.06 12.65
N SER D 53 3.83 25.06 12.29
CA SER D 53 2.97 24.39 13.23
C SER D 53 3.57 23.11 13.81
N GLY D 54 4.56 22.52 13.10
CA GLY D 54 4.99 21.16 13.36
C GLY D 54 3.91 20.11 13.11
N LYS D 55 2.80 20.49 12.47
CA LYS D 55 1.83 19.49 12.01
C LYS D 55 2.38 18.62 10.88
N GLU D 56 1.94 17.36 10.84
CA GLU D 56 2.33 16.35 9.84
C GLU D 56 1.68 16.73 8.51
N ILE D 57 2.44 16.59 7.44
CA ILE D 57 2.03 16.82 6.10
C ILE D 57 1.68 15.46 5.51
N ASN D 58 0.46 15.38 5.02
CA ASN D 58 0.00 14.25 4.24
C ASN D 58 0.59 14.40 2.83
N LEU D 59 1.56 13.55 2.56
CA LEU D 59 2.30 13.58 1.31
C LEU D 59 1.37 13.37 0.12
N GLY D 60 0.36 12.50 0.29
CA GLY D 60 -0.61 12.21 -0.72
C GLY D 60 -1.28 13.46 -1.28
N ARG D 61 -1.39 14.49 -0.44
CA ARG D 61 -2.05 15.73 -0.78
C ARG D 61 -1.04 16.81 -1.16
N LEU D 62 0.24 16.46 -1.32
CA LEU D 62 1.29 17.49 -1.47
C LEU D 62 0.94 18.46 -2.61
N ASN D 63 0.30 17.98 -3.66
CA ASN D 63 0.13 18.82 -4.85
C ASN D 63 -1.26 19.47 -4.88
N GLU D 64 -2.02 19.30 -3.80
CA GLU D 64 -3.37 19.81 -3.74
C GLU D 64 -3.30 21.35 -3.57
N LYS D 65 -3.98 22.07 -4.46
CA LYS D 65 -4.02 23.56 -4.39
C LYS D 65 -4.46 23.96 -2.98
N GLY D 66 -3.69 24.85 -2.36
CA GLY D 66 -4.02 25.37 -1.05
C GLY D 66 -3.40 24.61 0.10
N TYR D 67 -3.18 23.29 -0.05
CA TYR D 67 -2.84 22.39 1.08
C TYR D 67 -1.54 22.81 1.77
N VAL D 68 -0.43 22.83 1.05
CA VAL D 68 0.88 23.30 1.60
C VAL D 68 1.33 24.45 0.70
N GLU D 69 2.16 25.34 1.23
CA GLU D 69 2.69 26.41 0.42
C GLU D 69 4.13 26.64 0.85
N ILE D 70 4.92 27.15 -0.09
CA ILE D 70 6.26 27.60 0.18
C ILE D 70 6.15 29.07 0.55
N ASP D 71 6.64 29.41 1.73
CA ASP D 71 6.72 30.76 2.17
C ASP D 71 8.20 31.10 2.27
N HIS D 72 8.48 32.39 2.15
CA HIS D 72 9.71 33.00 2.53
C HIS D 72 9.60 33.24 4.03
N ALA D 73 10.46 32.60 4.85
CA ALA D 73 10.41 32.76 6.28
C ALA D 73 10.61 34.23 6.67
N LEU D 74 11.37 34.98 5.85
CA LEU D 74 11.66 36.38 6.12
C LEU D 74 10.93 37.32 5.18
N PRO D 75 10.45 38.45 5.73
CA PRO D 75 9.51 39.40 5.14
C PRO D 75 10.19 40.46 4.27
N PHE D 76 11.07 39.97 3.38
CA PHE D 76 12.03 40.73 2.56
C PHE D 76 13.04 41.38 3.49
N SER D 77 13.33 40.62 4.56
CA SER D 77 14.32 41.04 5.58
C SER D 77 15.73 40.72 5.11
N ARG D 78 16.14 39.68 4.41
CA ARG D 78 17.58 39.92 4.21
C ARG D 78 17.94 40.02 2.74
N THR D 79 16.97 40.08 1.81
CA THR D 79 17.35 39.91 0.40
C THR D 79 16.51 40.72 -0.60
N TRP D 80 16.84 40.58 -1.90
CA TRP D 80 16.12 41.30 -3.03
C TRP D 80 15.59 40.34 -4.12
N ASP D 81 16.51 39.96 -5.05
CA ASP D 81 16.24 39.26 -6.28
C ASP D 81 16.71 37.83 -6.13
N ASP D 82 18.01 37.57 -5.92
CA ASP D 82 18.47 36.22 -5.56
C ASP D 82 18.82 36.29 -4.08
N SER D 83 18.65 35.19 -3.35
CA SER D 83 18.52 35.48 -1.94
C SER D 83 19.44 34.63 -1.06
N PHE D 84 19.63 35.20 0.14
CA PHE D 84 19.80 34.40 1.31
C PHE D 84 18.57 33.46 1.33
N ASN D 85 18.73 32.20 0.90
CA ASN D 85 17.58 31.29 0.81
C ASN D 85 16.87 31.19 2.17
N ASN D 86 15.53 31.26 2.12
CA ASN D 86 14.73 31.21 3.31
C ASN D 86 13.36 30.58 2.99
N LYS D 87 13.32 29.73 1.95
CA LYS D 87 12.08 29.13 1.52
C LYS D 87 11.73 27.93 2.41
N VAL D 88 10.54 27.93 3.00
CA VAL D 88 10.14 26.87 3.94
C VAL D 88 8.74 26.38 3.58
N LEU D 89 8.45 25.12 3.87
CA LEU D 89 7.20 24.55 3.44
C LEU D 89 6.24 24.49 4.63
N VAL D 90 5.02 24.94 4.39
CA VAL D 90 4.08 25.18 5.50
C VAL D 90 2.68 24.84 5.00
N LEU D 91 1.87 24.25 5.88
CA LEU D 91 0.48 23.99 5.60
C LEU D 91 -0.23 25.36 5.43
N GLY D 92 -1.09 25.48 4.41
CA GLY D 92 -1.90 26.70 4.15
C GLY D 92 -2.56 27.29 5.40
N SER D 93 -3.07 26.42 6.28
CA SER D 93 -3.85 26.83 7.43
C SER D 93 -2.97 27.25 8.62
N GLU D 94 -1.64 27.16 8.48
CA GLU D 94 -0.76 27.47 9.61
C GLU D 94 0.07 28.72 9.34
N ASN D 95 -0.23 29.42 8.25
CA ASN D 95 0.30 30.75 8.11
C ASN D 95 -0.80 31.71 7.62
N GLN D 96 -1.67 32.11 8.54
CA GLN D 96 -2.66 33.16 8.21
C GLN D 96 -2.32 34.48 8.92
N ASN D 97 -1.27 34.52 9.75
CA ASN D 97 -1.07 35.70 10.58
C ASN D 97 0.41 36.08 10.71
N LYS D 98 1.31 35.49 9.92
CA LYS D 98 2.71 35.84 10.07
C LYS D 98 2.97 37.19 9.38
N GLY D 99 2.23 37.49 8.29
CA GLY D 99 2.40 38.78 7.62
C GLY D 99 3.86 39.07 7.31
N ASN D 100 4.40 40.17 7.88
CA ASN D 100 5.72 40.69 7.52
C ASN D 100 6.72 40.52 8.67
N GLN D 101 6.37 39.69 9.65
CA GLN D 101 7.25 39.43 10.77
C GLN D 101 8.29 38.35 10.41
N THR D 102 9.39 38.34 11.17
CA THR D 102 10.38 37.29 11.11
C THR D 102 9.87 36.16 11.99
N PRO D 103 10.43 34.94 11.85
CA PRO D 103 10.04 33.88 12.75
C PRO D 103 10.33 34.27 14.20
N TYR D 104 11.46 34.97 14.43
CA TYR D 104 11.87 35.34 15.80
C TYR D 104 10.74 36.15 16.46
N GLU D 105 10.26 37.12 15.68
CA GLU D 105 9.17 38.00 16.00
C GLU D 105 7.93 37.16 16.30
N TYR D 106 7.37 36.61 15.23
CA TYR D 106 6.19 35.80 15.19
C TYR D 106 6.08 34.80 16.35
N PHE D 107 7.20 34.13 16.73
CA PHE D 107 7.14 32.98 17.65
C PHE D 107 7.63 33.36 19.05
N ASN D 108 7.87 34.65 19.26
CA ASN D 108 8.08 35.19 20.60
C ASN D 108 9.43 34.69 21.15
N GLY D 109 10.48 34.93 20.37
CA GLY D 109 11.84 34.53 20.70
C GLY D 109 12.41 35.28 21.89
N LYS D 110 12.09 36.57 22.03
CA LYS D 110 12.65 37.44 23.11
C LYS D 110 12.28 36.86 24.49
N ASP D 111 11.09 36.24 24.59
CA ASP D 111 10.63 35.61 25.83
C ASP D 111 11.04 34.13 25.94
N ASN D 112 11.82 33.64 24.96
CA ASN D 112 12.13 32.22 24.87
C ASN D 112 10.85 31.39 25.02
N SER D 113 9.76 31.80 24.37
CA SER D 113 8.54 30.98 24.36
C SER D 113 8.92 29.51 24.07
N ARG D 114 8.11 28.60 24.62
CA ARG D 114 8.12 27.17 24.26
C ARG D 114 7.99 27.00 22.74
N GLU D 115 7.22 27.87 22.08
CA GLU D 115 6.90 27.63 20.69
C GLU D 115 8.00 28.19 19.78
N TRP D 116 8.64 29.26 20.23
CA TRP D 116 9.91 29.64 19.69
C TRP D 116 10.93 28.49 19.85
N GLN D 117 11.05 27.93 21.05
CA GLN D 117 12.00 26.82 21.32
C GLN D 117 11.72 25.63 20.35
N GLU D 118 10.46 25.31 20.13
CA GLU D 118 10.04 24.21 19.30
C GLU D 118 10.36 24.51 17.83
N PHE D 119 10.04 25.73 17.38
CA PHE D 119 10.30 26.12 16.05
C PHE D 119 11.80 26.03 15.76
N LYS D 120 12.64 26.55 16.67
CA LYS D 120 14.10 26.51 16.48
C LYS D 120 14.54 25.02 16.47
N ALA D 121 13.97 24.19 17.34
CA ALA D 121 14.32 22.72 17.24
C ALA D 121 13.96 22.11 15.87
N ARG D 122 12.81 22.49 15.27
CA ARG D 122 12.49 21.93 13.93
C ARG D 122 13.47 22.44 12.87
N VAL D 123 13.91 23.71 12.99
CA VAL D 123 14.81 24.22 11.99
C VAL D 123 16.14 23.47 12.12
N GLU D 124 16.58 23.28 13.35
CA GLU D 124 17.96 22.90 13.61
C GLU D 124 18.16 21.40 13.35
N THR D 125 17.10 20.60 13.45
CA THR D 125 17.20 19.18 13.14
C THR D 125 16.73 18.92 11.72
N SER D 126 16.37 19.99 11.00
CA SER D 126 16.00 19.88 9.62
C SER D 126 17.28 19.63 8.80
N ARG D 127 17.09 19.26 7.53
CA ARG D 127 18.24 18.97 6.66
C ARG D 127 18.50 20.17 5.77
N PHE D 128 18.01 21.34 6.21
CA PHE D 128 18.34 22.62 5.49
C PHE D 128 19.83 22.86 5.52
N PRO D 129 20.42 23.57 4.53
CA PRO D 129 21.82 23.96 4.65
C PRO D 129 22.02 24.80 5.90
N ARG D 130 23.21 24.67 6.49
CA ARG D 130 23.58 25.43 7.68
C ARG D 130 23.16 26.91 7.50
N SER D 131 23.44 27.45 6.32
CA SER D 131 23.30 28.87 6.09
C SER D 131 21.82 29.30 6.21
N LYS D 132 20.95 28.47 5.64
CA LYS D 132 19.51 28.65 5.62
C LYS D 132 18.98 28.58 7.05
N LYS D 133 19.46 27.60 7.83
CA LYS D 133 19.01 27.45 9.21
C LYS D 133 19.26 28.74 9.99
N GLN D 134 20.46 29.31 9.84
CA GLN D 134 20.86 30.54 10.56
C GLN D 134 20.03 31.75 10.11
N ARG D 135 19.92 31.98 8.80
CA ARG D 135 19.07 33.04 8.27
C ARG D 135 17.70 33.02 8.97
N ILE D 136 17.06 31.83 8.97
CA ILE D 136 15.67 31.64 9.46
C ILE D 136 15.55 32.08 10.93
N LEU D 137 16.62 31.90 11.72
CA LEU D 137 16.58 32.19 13.17
C LEU D 137 16.90 33.66 13.48
N LEU D 138 17.10 34.48 12.43
CA LEU D 138 17.42 35.92 12.59
C LEU D 138 18.90 36.08 12.92
#